data_7N3M
#
_entry.id   7N3M
#
_cell.length_a   58.572
_cell.length_b   63.717
_cell.length_c   125.061
_cell.angle_alpha   90.000
_cell.angle_beta   90.000
_cell.angle_gamma   90.000
#
_symmetry.space_group_name_H-M   'P 21 21 21'
#
loop_
_entity.id
_entity.type
_entity.pdbx_description
1 polymer 'Cholesterol 24-hydroxylase'
2 non-polymer 'PROTOPORPHYRIN IX CONTAINING FE'
3 non-polymer N,N-dimethyl-1-[4-(4-methyl-1H-pyrazol-1-yl)pyridin-3-yl]piperidine-4-carboxamide
4 water water
#
_entity_poly.entity_id   1
_entity_poly.type   'polypeptide(L)'
_entity_poly.pdbx_seq_one_letter_code
;MHHHHHHSRYEHIPGPPRPSFLLGHLPCFWKKDEVGGRVLQDVFLDWAKKYGPVVRVNVFHKTSVIVTSPESVKKFLMST
KYNKDSKMYRALQTVFGERLFGQGLVSECNYERWHKQRRVIDLAFSRSSLVSLMETFNEKAEQLVEILEAKADGQTPVSM
QDMLTYTAMDILAKAAFGMETSMLLGAQKPLSQAVKLMLEGITASRNTLAKFLPGKRKQLREVRESIRFLRQVGRDWVQR
RREALKRGEEVPADILTQILKAEEGAQDDEGLLDNFVTFFIAGHETSANHLAFTVMELSRQPEIVARLQAEVDEVIGSKR
YLDFEDLGRLQYLSQVLKESLRLYPPAWGTFRLLEEETLIDGVRVPGNTPLLFSTYVMGRMDTYFEDPLTFNPDRFGPGA
PKPRFTYFPFSLGHRSCIGQQFAQMEVKVVMAKLLQRLEFRLVPGQRFGLQEQATLKPLDPVLCTLRPRGWQPA
;
_entity_poly.pdbx_strand_id   AAA
#
loop_
_chem_comp.id
_chem_comp.type
_chem_comp.name
_chem_comp.formula
05D non-polymer N,N-dimethyl-1-[4-(4-methyl-1H-pyrazol-1-yl)pyridin-3-yl]piperidine-4-carboxamide 'C17 H23 N5 O'
HEM non-polymer 'PROTOPORPHYRIN IX CONTAINING FE' 'C34 H32 Fe N4 O4'
#
# COMPACT_ATOMS: atom_id res chain seq x y z
N SER A 8 22.65 -23.19 13.55
CA SER A 8 22.35 -24.62 13.72
C SER A 8 20.88 -24.78 14.14
N ARG A 9 20.26 -23.84 14.88
CA ARG A 9 18.88 -24.07 15.44
C ARG A 9 17.85 -24.15 14.30
N TYR A 10 18.16 -23.65 13.09
CA TYR A 10 17.23 -23.71 11.93
C TYR A 10 17.72 -24.63 10.80
N GLU A 11 18.89 -25.24 10.94
CA GLU A 11 19.56 -26.03 9.88
C GLU A 11 18.64 -27.18 9.40
N HIS A 12 17.83 -27.80 10.27
CA HIS A 12 16.95 -28.95 9.93
C HIS A 12 15.75 -28.51 9.08
N ILE A 13 15.45 -27.22 9.00
CA ILE A 13 14.23 -26.76 8.27
C ILE A 13 14.52 -26.77 6.77
N PRO A 14 13.56 -27.22 5.94
CA PRO A 14 13.79 -27.28 4.51
C PRO A 14 14.25 -25.92 3.97
N GLY A 15 15.13 -25.97 2.98
CA GLY A 15 15.52 -24.73 2.28
C GLY A 15 16.78 -24.93 1.46
N PRO A 16 17.30 -23.82 0.87
CA PRO A 16 18.42 -23.91 -0.07
C PRO A 16 19.72 -24.33 0.63
N PRO A 17 20.68 -24.95 -0.09
CA PRO A 17 21.99 -25.22 0.48
C PRO A 17 22.70 -23.91 0.86
N GLY A 37 14.21 -6.81 -13.01
CA GLY A 37 12.83 -6.65 -12.50
C GLY A 37 12.40 -7.81 -11.62
N ARG A 38 13.34 -8.66 -11.15
CA ARG A 38 13.07 -9.69 -10.08
C ARG A 38 13.34 -9.10 -8.70
N VAL A 39 12.63 -9.58 -7.68
CA VAL A 39 12.74 -9.09 -6.30
C VAL A 39 12.99 -10.35 -5.45
N LEU A 40 13.44 -10.16 -4.22
CA LEU A 40 13.73 -11.29 -3.33
C LEU A 40 12.45 -12.15 -3.18
N GLN A 41 11.29 -11.53 -3.24
CA GLN A 41 10.01 -12.32 -3.17
C GLN A 41 9.98 -13.40 -4.26
N ASP A 42 10.56 -13.18 -5.44
CA ASP A 42 10.59 -14.22 -6.52
C ASP A 42 11.45 -15.39 -6.16
N VAL A 43 12.57 -15.13 -5.50
CA VAL A 43 13.48 -16.19 -5.01
C VAL A 43 12.70 -16.99 -3.98
N PHE A 44 11.98 -16.30 -3.09
CA PHE A 44 11.18 -16.98 -2.03
C PHE A 44 10.11 -17.88 -2.67
N LEU A 45 9.50 -17.41 -3.74
CA LEU A 45 8.48 -18.21 -4.47
C LEU A 45 9.14 -19.49 -5.00
N ASP A 46 10.27 -19.38 -5.70
CA ASP A 46 11.03 -20.54 -6.22
C ASP A 46 11.32 -21.54 -5.06
N TRP A 47 11.69 -21.03 -3.90
CA TRP A 47 12.04 -21.91 -2.77
C TRP A 47 10.78 -22.55 -2.19
N ALA A 48 9.69 -21.80 -2.06
CA ALA A 48 8.42 -22.38 -1.58
C ALA A 48 8.01 -23.50 -2.54
N LYS A 49 8.09 -23.29 -3.85
CA LYS A 49 7.71 -24.38 -4.79
C LYS A 49 8.63 -25.59 -4.62
N LYS A 50 9.93 -25.40 -4.47
CA LYS A 50 10.92 -26.50 -4.43
C LYS A 50 10.94 -27.17 -3.06
N TYR A 51 10.86 -26.42 -1.97
CA TYR A 51 11.10 -26.96 -0.62
C TYR A 51 9.84 -27.07 0.26
N GLY A 52 8.69 -26.56 -0.18
CA GLY A 52 7.44 -26.86 0.54
C GLY A 52 6.96 -25.68 1.37
N PRO A 53 5.94 -25.96 2.24
CA PRO A 53 5.19 -24.91 2.91
C PRO A 53 5.89 -24.22 4.08
N VAL A 54 7.08 -24.73 4.48
CA VAL A 54 7.85 -24.13 5.59
C VAL A 54 9.32 -24.11 5.22
N VAL A 55 9.85 -22.91 4.94
CA VAL A 55 11.23 -22.80 4.41
C VAL A 55 12.04 -21.76 5.20
N ARG A 56 13.30 -22.06 5.48
CA ARG A 56 14.20 -21.10 6.17
C ARG A 56 14.74 -20.13 5.13
N VAL A 57 14.68 -18.85 5.45
CA VAL A 57 15.18 -17.77 4.55
C VAL A 57 15.89 -16.73 5.43
N ASN A 58 16.65 -15.82 4.79
CA ASN A 58 17.26 -14.67 5.47
C ASN A 58 16.54 -13.43 4.96
N VAL A 59 15.94 -12.62 5.84
CA VAL A 59 15.23 -11.38 5.38
C VAL A 59 15.55 -10.28 6.39
N PHE A 60 15.83 -9.07 5.90
CA PHE A 60 16.13 -7.91 6.78
C PHE A 60 17.25 -8.32 7.76
N HIS A 61 18.23 -9.08 7.24
CA HIS A 61 19.41 -9.54 8.01
C HIS A 61 19.03 -10.54 9.12
N LYS A 62 17.83 -11.14 9.15
CA LYS A 62 17.43 -12.08 10.25
C LYS A 62 16.98 -13.42 9.66
N THR A 63 17.23 -14.54 10.33
CA THR A 63 16.71 -15.83 9.82
C THR A 63 15.21 -15.85 10.10
N SER A 64 14.43 -16.20 9.10
CA SER A 64 12.99 -16.33 9.29
CA SER A 64 12.96 -16.23 9.14
C SER A 64 12.50 -17.55 8.56
N VAL A 65 11.25 -17.89 8.81
CA VAL A 65 10.67 -19.10 8.18
C VAL A 65 9.43 -18.66 7.43
N ILE A 66 9.43 -18.87 6.12
CA ILE A 66 8.29 -18.51 5.26
C ILE A 66 7.31 -19.65 5.31
N VAL A 67 6.09 -19.32 5.69
CA VAL A 67 4.97 -20.28 5.88
CA VAL A 67 5.00 -20.33 5.83
C VAL A 67 3.92 -20.00 4.78
N THR A 68 3.67 -20.96 3.90
CA THR A 68 2.85 -20.71 2.71
C THR A 68 1.68 -21.68 2.62
N SER A 69 1.34 -22.42 3.67
CA SER A 69 0.07 -23.19 3.65
C SER A 69 -1.08 -22.28 4.09
N PRO A 70 -2.29 -22.45 3.51
CA PRO A 70 -3.45 -21.67 4.00
C PRO A 70 -3.83 -22.04 5.43
N GLU A 71 -3.62 -23.29 5.83
CA GLU A 71 -3.85 -23.68 7.25
C GLU A 71 -2.97 -22.81 8.17
N SER A 72 -1.69 -22.55 7.82
CA SER A 72 -0.81 -21.68 8.64
C SER A 72 -1.27 -20.23 8.57
N VAL A 73 -1.68 -19.76 7.42
CA VAL A 73 -2.18 -18.37 7.34
C VAL A 73 -3.34 -18.18 8.31
N LYS A 74 -4.28 -19.10 8.29
CA LYS A 74 -5.48 -18.99 9.13
C LYS A 74 -5.03 -19.07 10.59
N LYS A 75 -4.18 -20.04 10.94
CA LYS A 75 -3.86 -20.24 12.37
C LYS A 75 -3.19 -19.00 12.97
N PHE A 76 -2.20 -18.48 12.27
CA PHE A 76 -1.37 -17.40 12.83
C PHE A 76 -1.96 -16.02 12.60
N LEU A 77 -2.65 -15.76 11.49
CA LEU A 77 -3.11 -14.35 11.28
C LEU A 77 -4.47 -14.14 11.94
N MET A 78 -5.29 -15.16 12.15
CA MET A 78 -6.65 -14.92 12.67
C MET A 78 -6.68 -15.10 14.20
N SER A 79 -5.61 -14.89 14.95
CA SER A 79 -5.60 -15.04 16.42
C SER A 79 -4.84 -13.89 17.04
N THR A 80 -5.37 -13.27 18.09
CA THR A 80 -4.65 -12.27 18.91
C THR A 80 -3.57 -12.95 19.76
N LYS A 81 -3.48 -14.28 19.76
CA LYS A 81 -2.41 -15.02 20.47
C LYS A 81 -1.06 -14.68 19.82
N TYR A 82 -1.04 -14.44 18.52
CA TYR A 82 0.18 -14.25 17.73
C TYR A 82 0.33 -12.77 17.40
N ASN A 83 1.41 -12.18 17.90
CA ASN A 83 1.64 -10.74 17.68
C ASN A 83 2.72 -10.56 16.61
N LYS A 84 2.87 -9.35 16.13
CA LYS A 84 3.95 -9.04 15.16
C LYS A 84 5.32 -9.16 15.82
N ASP A 85 6.32 -9.54 15.06
CA ASP A 85 7.70 -9.69 15.55
C ASP A 85 8.38 -8.35 15.43
N SER A 86 8.62 -7.67 16.55
CA SER A 86 9.16 -6.29 16.53
C SER A 86 10.46 -6.20 15.76
N LYS A 87 11.33 -7.21 15.84
CA LYS A 87 12.65 -7.12 15.20
C LYS A 87 12.47 -6.90 13.70
N MET A 88 11.34 -7.35 13.11
CA MET A 88 11.17 -7.31 11.64
C MET A 88 10.57 -5.94 11.23
N TYR A 89 10.30 -5.07 12.19
CA TYR A 89 9.78 -3.70 11.97
C TYR A 89 10.82 -2.63 12.37
N ARG A 90 12.06 -2.99 12.66
CA ARG A 90 13.05 -2.01 13.16
C ARG A 90 13.29 -0.92 12.13
N ALA A 91 13.32 -1.27 10.85
CA ALA A 91 13.68 -0.31 9.77
C ALA A 91 12.49 0.63 9.55
N LEU A 92 11.29 0.33 10.03
CA LEU A 92 10.21 1.37 9.99
C LEU A 92 10.29 2.25 11.23
N GLN A 93 10.69 1.69 12.36
CA GLN A 93 10.72 2.44 13.66
C GLN A 93 11.73 3.58 13.54
N THR A 94 12.95 3.25 13.12
CA THR A 94 14.11 4.14 13.14
C THR A 94 14.99 3.77 11.94
N VAL A 95 15.57 4.76 11.27
CA VAL A 95 16.50 4.55 10.13
C VAL A 95 17.75 5.40 10.37
N PHE A 96 18.92 4.75 10.43
CA PHE A 96 20.22 5.44 10.62
C PHE A 96 20.13 6.39 11.82
N GLY A 97 19.52 5.94 12.92
CA GLY A 97 19.47 6.70 14.19
C GLY A 97 18.40 7.79 14.19
N GLU A 98 17.60 7.91 13.16
CA GLU A 98 16.47 8.91 13.10
C GLU A 98 15.12 8.21 13.23
N ARG A 99 14.37 8.62 14.24
CA ARG A 99 13.02 8.06 14.51
C ARG A 99 12.11 8.36 13.31
N LEU A 100 11.46 7.35 12.78
CA LEU A 100 10.64 7.42 11.54
C LEU A 100 9.18 7.16 11.86
N PHE A 101 8.69 5.93 11.80
CA PHE A 101 7.32 5.52 12.19
C PHE A 101 7.27 5.28 13.72
N GLY A 102 8.43 5.16 14.38
CA GLY A 102 8.48 4.90 15.83
C GLY A 102 7.52 3.80 16.25
N GLN A 103 6.65 4.11 17.22
CA GLN A 103 5.66 3.16 17.79
C GLN A 103 4.27 3.56 17.31
N GLY A 104 4.17 4.02 16.06
CA GLY A 104 2.85 4.25 15.48
C GLY A 104 2.08 2.97 15.15
N LEU A 105 0.95 3.12 14.49
CA LEU A 105 -0.02 2.02 14.38
C LEU A 105 0.58 0.82 13.62
N VAL A 106 1.43 1.00 12.61
CA VAL A 106 1.98 -0.14 11.81
C VAL A 106 3.04 -0.85 12.62
N SER A 107 3.89 -0.09 13.31
CA SER A 107 5.19 -0.61 13.80
C SER A 107 5.12 -0.96 15.29
N GLU A 108 4.05 -0.57 15.98
CA GLU A 108 3.79 -0.96 17.38
C GLU A 108 3.45 -2.46 17.41
N CYS A 109 4.25 -3.25 18.14
CA CYS A 109 4.07 -4.73 18.17
C CYS A 109 3.55 -5.23 19.52
N ASN A 110 3.49 -4.40 20.53
CA ASN A 110 2.79 -4.70 21.81
C ASN A 110 1.27 -4.63 21.63
N TYR A 111 0.55 -5.73 21.83
CA TYR A 111 -0.92 -5.81 21.60
C TYR A 111 -1.64 -4.65 22.32
N GLU A 112 -1.44 -4.46 23.62
CA GLU A 112 -2.28 -3.52 24.41
C GLU A 112 -2.02 -2.07 23.98
N ARG A 113 -0.78 -1.76 23.63
CA ARG A 113 -0.43 -0.40 23.15
C ARG A 113 -0.98 -0.20 21.72
N TRP A 114 -0.91 -1.24 20.90
CA TRP A 114 -1.51 -1.19 19.54
C TRP A 114 -3.03 -1.02 19.69
N HIS A 115 -3.70 -1.84 20.51
CA HIS A 115 -5.18 -1.89 20.57
C HIS A 115 -5.79 -0.54 20.94
N LYS A 116 -5.14 0.14 21.89
CA LYS A 116 -5.57 1.44 22.43
C LYS A 116 -5.61 2.41 21.26
N GLN A 117 -4.55 2.45 20.46
CA GLN A 117 -4.50 3.45 19.36
C GLN A 117 -5.44 3.01 18.24
N ARG A 118 -5.53 1.72 17.97
CA ARG A 118 -6.36 1.20 16.88
C ARG A 118 -7.80 1.62 17.11
N ARG A 119 -8.32 1.46 18.34
CA ARG A 119 -9.76 1.68 18.59
C ARG A 119 -10.09 3.15 18.42
N VAL A 120 -9.15 4.03 18.75
CA VAL A 120 -9.41 5.50 18.66
C VAL A 120 -9.31 5.89 17.18
N ILE A 121 -8.27 5.45 16.48
CA ILE A 121 -8.04 5.87 15.06
C ILE A 121 -9.12 5.24 14.17
N ASP A 122 -9.68 4.10 14.55
CA ASP A 122 -10.77 3.44 13.77
C ASP A 122 -12.00 4.35 13.51
N LEU A 123 -12.28 5.30 14.40
CA LEU A 123 -13.43 6.23 14.28
C LEU A 123 -13.28 7.03 12.99
N ALA A 124 -12.04 7.27 12.50
CA ALA A 124 -11.84 8.07 11.28
C ALA A 124 -12.06 7.22 10.03
N PHE A 125 -12.23 5.90 10.19
CA PHE A 125 -12.39 4.97 9.05
C PHE A 125 -13.78 4.32 9.04
N SER A 126 -14.70 4.88 9.80
CA SER A 126 -16.14 4.46 9.85
C SER A 126 -16.71 4.64 8.43
N ARG A 127 -17.77 3.88 8.13
CA ARG A 127 -18.54 4.07 6.87
C ARG A 127 -18.89 5.56 6.69
N SER A 128 -19.39 6.23 7.72
CA SER A 128 -19.82 7.64 7.58
C SER A 128 -18.61 8.55 7.31
N SER A 129 -17.48 8.33 7.97
CA SER A 129 -16.24 9.11 7.75
C SER A 129 -15.83 8.97 6.28
N LEU A 130 -15.78 7.73 5.78
CA LEU A 130 -15.27 7.49 4.42
C LEU A 130 -16.23 8.04 3.37
N VAL A 131 -17.53 7.96 3.59
CA VAL A 131 -18.48 8.54 2.62
C VAL A 131 -18.14 10.04 2.47
N SER A 132 -17.80 10.74 3.55
CA SER A 132 -17.58 12.21 3.51
C SER A 132 -16.33 12.52 2.66
N LEU A 133 -15.44 11.57 2.44
CA LEU A 133 -14.19 11.76 1.63
C LEU A 133 -14.43 11.68 0.13
N MET A 134 -15.62 11.32 -0.35
CA MET A 134 -15.83 11.14 -1.80
C MET A 134 -15.58 12.49 -2.50
N GLU A 135 -15.84 13.63 -1.88
CA GLU A 135 -15.66 14.95 -2.56
C GLU A 135 -14.16 15.15 -2.83
N THR A 136 -13.28 14.83 -1.86
CA THR A 136 -11.81 14.94 -2.03
C THR A 136 -11.36 13.97 -3.11
N PHE A 137 -11.81 12.73 -3.08
CA PHE A 137 -11.39 11.70 -4.04
C PHE A 137 -11.72 12.21 -5.46
N ASN A 138 -12.96 12.68 -5.62
CA ASN A 138 -13.46 13.13 -6.94
C ASN A 138 -12.69 14.35 -7.41
N GLU A 139 -12.40 15.30 -6.52
CA GLU A 139 -11.76 16.57 -6.96
C GLU A 139 -10.32 16.31 -7.39
N LYS A 140 -9.59 15.46 -6.65
CA LYS A 140 -8.19 15.19 -7.04
C LYS A 140 -8.16 14.31 -8.31
N ALA A 141 -9.10 13.37 -8.47
CA ALA A 141 -9.14 12.49 -9.67
C ALA A 141 -9.46 13.35 -10.87
N GLU A 142 -10.42 14.26 -10.73
CA GLU A 142 -10.77 15.18 -11.83
C GLU A 142 -9.58 16.06 -12.18
N GLN A 143 -8.82 16.54 -11.21
CA GLN A 143 -7.63 17.38 -11.49
C GLN A 143 -6.61 16.56 -12.29
N LEU A 144 -6.35 15.35 -11.86
CA LEU A 144 -5.40 14.48 -12.60
C LEU A 144 -5.89 14.25 -14.04
N VAL A 145 -7.16 13.89 -14.23
CA VAL A 145 -7.69 13.63 -15.61
CA VAL A 145 -7.56 13.57 -15.63
C VAL A 145 -7.50 14.87 -16.48
N GLU A 146 -7.78 16.05 -15.97
CA GLU A 146 -7.68 17.28 -16.81
C GLU A 146 -6.23 17.54 -17.18
N ILE A 147 -5.32 17.31 -16.24
CA ILE A 147 -3.87 17.45 -16.55
C ILE A 147 -3.50 16.46 -17.65
N LEU A 148 -3.95 15.23 -17.56
CA LEU A 148 -3.58 14.19 -18.55
C LEU A 148 -4.27 14.46 -19.89
N GLU A 149 -5.54 14.89 -19.89
CA GLU A 149 -6.23 15.12 -21.18
C GLU A 149 -5.48 16.18 -22.00
N ALA A 150 -4.86 17.17 -21.36
CA ALA A 150 -4.12 18.24 -22.05
C ALA A 150 -2.82 17.71 -22.72
N LYS A 151 -2.37 16.53 -22.33
CA LYS A 151 -1.16 15.86 -22.90
C LYS A 151 -1.54 14.74 -23.87
N ALA A 152 -2.85 14.50 -24.13
CA ALA A 152 -3.35 13.27 -24.78
C ALA A 152 -3.23 13.43 -26.32
N ASP A 153 -1.98 13.62 -26.81
CA ASP A 153 -1.66 13.86 -28.24
C ASP A 153 -1.05 12.60 -28.93
N GLY A 154 -1.09 11.47 -28.24
CA GLY A 154 -0.58 10.19 -28.72
C GLY A 154 0.92 10.20 -28.92
N GLN A 155 1.66 11.17 -28.39
CA GLN A 155 3.10 11.30 -28.69
C GLN A 155 3.88 11.72 -27.43
N THR A 156 3.31 12.57 -26.58
CA THR A 156 4.02 13.08 -25.39
C THR A 156 4.14 11.94 -24.38
N PRO A 157 5.34 11.51 -23.93
CA PRO A 157 5.40 10.44 -22.94
C PRO A 157 5.06 10.98 -21.54
N VAL A 158 4.18 10.29 -20.84
CA VAL A 158 3.76 10.64 -19.47
C VAL A 158 4.12 9.53 -18.49
N SER A 159 4.82 9.87 -17.43
CA SER A 159 5.09 8.85 -16.37
C SER A 159 3.83 8.63 -15.55
N MET A 160 3.09 7.57 -15.75
CA MET A 160 1.88 7.33 -14.97
C MET A 160 2.27 6.99 -13.53
N GLN A 161 3.45 6.38 -13.28
CA GLN A 161 3.93 6.15 -11.90
CA GLN A 161 3.80 6.14 -11.87
C GLN A 161 3.96 7.50 -11.16
N ASP A 162 4.62 8.48 -11.76
CA ASP A 162 4.79 9.78 -11.10
C ASP A 162 3.43 10.43 -10.90
N MET A 163 2.65 10.51 -11.97
CA MET A 163 1.37 11.28 -11.86
C MET A 163 0.43 10.62 -10.84
N LEU A 164 0.42 9.29 -10.76
CA LEU A 164 -0.49 8.62 -9.81
C LEU A 164 0.02 8.83 -8.39
N THR A 165 1.33 8.90 -8.21
CA THR A 165 1.89 9.14 -6.85
C THR A 165 1.53 10.57 -6.35
N TYR A 166 1.65 11.56 -7.23
CA TYR A 166 1.27 12.96 -6.90
C TYR A 166 -0.21 12.96 -6.51
N THR A 167 -1.03 12.26 -7.27
CA THR A 167 -2.50 12.23 -7.05
C THR A 167 -2.76 11.59 -5.67
N ALA A 168 -2.14 10.46 -5.41
CA ALA A 168 -2.31 9.76 -4.11
C ALA A 168 -1.84 10.65 -2.96
N MET A 169 -0.73 11.35 -3.13
CA MET A 169 -0.20 12.22 -2.05
C MET A 169 -1.19 13.37 -1.83
N ASP A 170 -1.68 13.97 -2.90
CA ASP A 170 -2.61 15.13 -2.76
C ASP A 170 -3.91 14.67 -2.11
N ILE A 171 -4.43 13.52 -2.49
CA ILE A 171 -5.66 12.99 -1.85
C ILE A 171 -5.38 12.79 -0.36
N LEU A 172 -4.29 12.10 -0.02
CA LEU A 172 -4.01 11.76 1.42
C LEU A 172 -3.90 13.04 2.26
N ALA A 173 -3.10 13.99 1.79
CA ALA A 173 -2.78 15.22 2.54
C ALA A 173 -4.11 15.94 2.81
N LYS A 174 -4.96 16.01 1.80
CA LYS A 174 -6.26 16.70 1.97
C LYS A 174 -7.22 15.90 2.88
N ALA A 175 -7.45 14.66 2.54
CA ALA A 175 -8.42 13.78 3.20
C ALA A 175 -8.06 13.58 4.68
N ALA A 176 -6.78 13.33 4.99
CA ALA A 176 -6.31 12.93 6.37
C ALA A 176 -5.97 14.16 7.23
N PHE A 177 -5.41 15.22 6.63
CA PHE A 177 -4.77 16.29 7.39
C PHE A 177 -5.42 17.66 7.10
N GLY A 178 -6.30 17.77 6.11
CA GLY A 178 -6.87 19.06 5.66
C GLY A 178 -5.83 19.96 5.00
N MET A 179 -4.77 19.40 4.45
CA MET A 179 -3.65 20.19 3.86
CA MET A 179 -3.71 20.26 3.85
C MET A 179 -3.65 20.04 2.33
N GLU A 180 -3.29 21.10 1.63
CA GLU A 180 -3.14 21.06 0.15
C GLU A 180 -1.66 20.93 -0.21
N THR A 181 -1.19 19.75 -0.61
CA THR A 181 0.23 19.56 -1.00
C THR A 181 0.45 20.17 -2.39
N SER A 182 -0.56 20.12 -3.26
CA SER A 182 -0.53 20.50 -4.69
C SER A 182 0.66 19.90 -5.47
N MET A 183 1.00 18.64 -5.22
CA MET A 183 2.04 17.99 -6.04
C MET A 183 1.55 17.87 -7.49
N LEU A 184 0.26 17.84 -7.77
CA LEU A 184 -0.24 17.79 -9.19
C LEU A 184 0.05 19.11 -9.89
N LEU A 185 0.25 20.20 -9.14
CA LEU A 185 0.62 21.49 -9.75
C LEU A 185 2.14 21.68 -9.82
N GLY A 186 2.95 20.71 -9.43
CA GLY A 186 4.42 20.83 -9.31
C GLY A 186 4.92 21.46 -8.00
N ALA A 187 4.09 21.64 -6.97
CA ALA A 187 4.49 22.20 -5.65
C ALA A 187 5.16 21.13 -4.77
N GLN A 188 5.73 21.57 -3.65
CA GLN A 188 6.28 20.67 -2.60
C GLN A 188 7.35 19.72 -3.19
N LYS A 189 8.24 20.17 -4.09
CA LYS A 189 9.36 19.29 -4.56
C LYS A 189 10.30 18.89 -3.42
N PRO A 190 10.64 19.71 -2.41
CA PRO A 190 11.49 19.19 -1.35
C PRO A 190 10.82 18.05 -0.57
N LEU A 191 9.52 18.17 -0.32
CA LEU A 191 8.76 17.11 0.37
C LEU A 191 8.79 15.83 -0.48
N SER A 192 8.61 15.94 -1.79
CA SER A 192 8.64 14.76 -2.68
C SER A 192 10.01 14.07 -2.60
N GLN A 193 11.09 14.85 -2.62
CA GLN A 193 12.47 14.35 -2.49
C GLN A 193 12.64 13.64 -1.14
N ALA A 194 12.11 14.26 -0.08
CA ALA A 194 12.28 13.73 1.31
C ALA A 194 11.62 12.35 1.39
N VAL A 195 10.44 12.19 0.77
CA VAL A 195 9.73 10.90 0.77
C VAL A 195 10.60 9.86 0.03
N LYS A 196 11.12 10.21 -1.14
CA LYS A 196 11.88 9.27 -1.98
C LYS A 196 13.13 8.82 -1.22
N LEU A 197 13.85 9.72 -0.56
CA LEU A 197 15.11 9.38 0.14
C LEU A 197 14.81 8.54 1.39
N MET A 198 13.70 8.83 2.04
CA MET A 198 13.31 8.06 3.23
C MET A 198 13.01 6.61 2.79
N LEU A 199 12.32 6.43 1.69
CA LEU A 199 11.98 5.08 1.17
C LEU A 199 13.28 4.36 0.80
N GLU A 200 14.21 5.04 0.15
CA GLU A 200 15.56 4.49 -0.12
C GLU A 200 16.29 4.12 1.17
N GLY A 201 16.10 4.88 2.24
CA GLY A 201 16.76 4.61 3.53
C GLY A 201 16.23 3.33 4.16
N ILE A 202 14.91 3.14 4.12
CA ILE A 202 14.30 1.89 4.64
C ILE A 202 14.95 0.68 3.94
N THR A 203 15.01 0.77 2.62
CA THR A 203 15.54 -0.28 1.71
C THR A 203 17.01 -0.55 2.00
N ALA A 204 17.81 0.51 2.09
CA ALA A 204 19.25 0.35 2.38
C ALA A 204 19.42 -0.29 3.76
N SER A 205 18.64 0.07 4.79
CA SER A 205 18.86 -0.45 6.16
CA SER A 205 18.77 -0.44 6.17
C SER A 205 18.55 -1.95 6.18
N ARG A 206 17.61 -2.43 5.36
CA ARG A 206 17.31 -3.89 5.27
C ARG A 206 18.15 -4.67 4.24
N ASN A 207 19.21 -4.08 3.63
CA ASN A 207 20.03 -4.67 2.52
C ASN A 207 21.49 -4.19 2.57
N LYS A 216 27.70 6.86 0.83
CA LYS A 216 27.76 6.33 2.23
C LYS A 216 27.62 7.52 3.18
N ARG A 217 28.57 8.45 3.16
CA ARG A 217 28.47 9.70 3.98
C ARG A 217 27.34 10.60 3.41
N LYS A 218 27.25 10.75 2.09
CA LYS A 218 26.22 11.59 1.43
C LYS A 218 24.85 10.94 1.62
N GLN A 219 24.77 9.62 1.48
CA GLN A 219 23.48 8.91 1.52
C GLN A 219 22.98 9.01 2.97
N LEU A 220 23.88 8.89 3.95
CA LEU A 220 23.48 8.96 5.39
C LEU A 220 22.88 10.36 5.64
N ARG A 221 23.59 11.39 5.20
CA ARG A 221 23.20 12.78 5.50
C ARG A 221 21.84 13.05 4.84
N GLU A 222 21.67 12.62 3.60
CA GLU A 222 20.45 12.86 2.81
C GLU A 222 19.29 12.06 3.44
N VAL A 223 19.48 10.82 3.81
CA VAL A 223 18.38 10.05 4.44
C VAL A 223 18.00 10.67 5.80
N ARG A 224 18.99 10.91 6.64
CA ARG A 224 18.74 11.46 7.99
C ARG A 224 18.00 12.81 7.90
N GLU A 225 18.39 13.67 6.97
CA GLU A 225 17.75 15.01 6.90
C GLU A 225 16.32 14.87 6.36
N SER A 226 16.08 13.89 5.51
CA SER A 226 14.74 13.64 4.93
C SER A 226 13.77 13.19 6.03
N ILE A 227 14.20 12.26 6.86
CA ILE A 227 13.33 11.80 7.97
C ILE A 227 13.02 12.96 8.91
N ARG A 228 14.02 13.74 9.32
CA ARG A 228 13.77 14.93 10.19
C ARG A 228 12.79 15.89 9.47
N PHE A 229 12.94 16.09 8.16
CA PHE A 229 12.04 16.98 7.37
C PHE A 229 10.58 16.52 7.50
N LEU A 230 10.36 15.22 7.35
CA LEU A 230 9.01 14.64 7.37
C LEU A 230 8.44 14.87 8.80
N ARG A 231 9.23 14.65 9.85
CA ARG A 231 8.70 14.80 11.23
C ARG A 231 8.41 16.28 11.47
N GLN A 232 9.21 17.18 10.90
CA GLN A 232 9.06 18.63 11.06
C GLN A 232 7.78 19.11 10.34
N VAL A 233 7.50 18.55 9.18
CA VAL A 233 6.19 18.74 8.49
C VAL A 233 5.04 18.39 9.46
N GLY A 234 5.14 17.25 10.16
CA GLY A 234 4.17 16.87 11.19
C GLY A 234 4.07 17.92 12.26
N ARG A 235 5.20 18.39 12.79
CA ARG A 235 5.16 19.36 13.91
C ARG A 235 4.47 20.63 13.42
N ASP A 236 4.81 21.09 12.23
CA ASP A 236 4.30 22.35 11.65
C ASP A 236 2.77 22.20 11.48
N TRP A 237 2.33 21.10 10.88
CA TRP A 237 0.88 20.89 10.55
CA TRP A 237 0.89 20.91 10.59
C TRP A 237 0.10 20.64 11.87
N VAL A 238 0.67 19.97 12.86
CA VAL A 238 -0.05 19.81 14.16
C VAL A 238 -0.19 21.18 14.84
N GLN A 239 0.83 22.04 14.75
CA GLN A 239 0.73 23.37 15.42
C GLN A 239 -0.33 24.18 14.66
N ARG A 240 -0.37 24.10 13.33
CA ARG A 240 -1.38 24.80 12.47
C ARG A 240 -2.81 24.41 12.91
N ARG A 241 -3.07 23.11 13.17
CA ARG A 241 -4.38 22.53 13.60
C ARG A 241 -4.69 23.02 15.02
N ARG A 242 -3.72 22.96 15.91
CA ARG A 242 -3.89 23.43 17.31
C ARG A 242 -4.24 24.92 17.35
N GLU A 243 -3.57 25.74 16.54
CA GLU A 243 -3.86 27.20 16.49
C GLU A 243 -5.28 27.45 15.94
N ALA A 244 -5.66 26.73 14.89
CA ALA A 244 -7.02 26.79 14.30
C ALA A 244 -8.06 26.51 15.38
N LEU A 245 -7.88 25.43 16.15
CA LEU A 245 -8.82 25.03 17.24
C LEU A 245 -8.87 26.10 18.33
N LYS A 246 -7.76 26.77 18.63
CA LYS A 246 -7.67 27.83 19.68
C LYS A 246 -8.32 29.14 19.19
N ARG A 247 -8.21 29.45 17.90
CA ARG A 247 -8.83 30.65 17.26
C ARG A 247 -10.32 30.42 16.99
N GLY A 248 -10.85 29.23 17.27
CA GLY A 248 -12.26 28.85 17.06
C GLY A 248 -12.66 28.64 15.59
N GLU A 249 -11.75 28.19 14.73
CA GLU A 249 -12.05 28.02 13.29
C GLU A 249 -12.72 26.66 13.11
N GLU A 250 -13.38 26.43 11.99
CA GLU A 250 -14.05 25.15 11.71
C GLU A 250 -12.95 24.18 11.30
N VAL A 251 -12.85 23.04 11.99
CA VAL A 251 -11.95 21.91 11.59
C VAL A 251 -12.80 20.65 11.39
N PRO A 252 -13.01 20.16 10.13
CA PRO A 252 -13.67 18.86 9.89
C PRO A 252 -12.88 17.71 10.53
N ALA A 253 -13.58 16.83 11.28
CA ALA A 253 -13.01 15.60 11.85
C ALA A 253 -12.36 14.79 10.71
N ASP A 254 -11.12 14.41 10.94
CA ASP A 254 -10.33 13.67 9.93
C ASP A 254 -9.44 12.71 10.70
N ILE A 255 -8.61 12.00 9.99
CA ILE A 255 -7.64 11.08 10.60
C ILE A 255 -6.83 11.84 11.66
N LEU A 256 -6.40 13.07 11.36
CA LEU A 256 -5.48 13.81 12.27
C LEU A 256 -6.21 14.06 13.60
N THR A 257 -7.52 14.37 13.55
CA THR A 257 -8.33 14.53 14.76
C THR A 257 -8.12 13.31 15.66
N GLN A 258 -8.17 12.11 15.09
CA GLN A 258 -8.17 10.87 15.92
C GLN A 258 -6.74 10.60 16.38
N ILE A 259 -5.75 10.87 15.54
CA ILE A 259 -4.30 10.77 15.92
C ILE A 259 -4.06 11.65 17.16
N LEU A 260 -4.63 12.85 17.18
CA LEU A 260 -4.47 13.77 18.32
C LEU A 260 -5.23 13.18 19.49
N LYS A 261 -6.43 12.64 19.25
CA LYS A 261 -7.29 12.07 20.35
C LYS A 261 -6.51 10.92 21.03
N ALA A 262 -5.80 10.11 20.25
CA ALA A 262 -5.06 8.92 20.75
C ALA A 262 -3.97 9.37 21.73
N GLU A 263 -3.46 10.60 21.63
CA GLU A 263 -2.34 11.08 22.49
C GLU A 263 -2.84 12.02 23.60
N GLU A 264 -4.16 12.14 23.79
CA GLU A 264 -4.77 13.10 24.76
C GLU A 264 -4.12 12.82 26.12
N GLY A 265 -3.48 13.82 26.72
CA GLY A 265 -2.75 13.69 28.00
C GLY A 265 -1.48 12.84 27.93
N ALA A 266 -0.82 12.63 26.77
CA ALA A 266 0.51 11.97 26.69
C ALA A 266 1.61 12.93 27.20
N GLN A 267 2.78 12.38 27.56
CA GLN A 267 3.88 13.14 28.22
C GLN A 267 4.55 14.06 27.20
N ASP A 268 4.45 13.73 25.90
CA ASP A 268 5.06 14.58 24.85
C ASP A 268 4.42 14.24 23.50
N ASP A 269 4.97 14.82 22.43
CA ASP A 269 4.34 14.72 21.08
C ASP A 269 4.96 13.59 20.26
N GLU A 270 5.83 12.73 20.82
CA GLU A 270 6.60 11.80 19.92
C GLU A 270 5.67 10.71 19.36
N GLY A 271 4.67 10.28 20.12
CA GLY A 271 3.66 9.33 19.65
C GLY A 271 2.80 9.95 18.54
N LEU A 272 2.47 11.22 18.71
CA LEU A 272 1.59 11.92 17.73
C LEU A 272 2.40 12.00 16.41
N LEU A 273 3.67 12.37 16.47
CA LEU A 273 4.47 12.52 15.23
C LEU A 273 4.77 11.17 14.59
N ASP A 274 4.95 10.09 15.40
CA ASP A 274 4.99 8.72 14.86
C ASP A 274 3.80 8.40 14.00
N ASN A 275 2.60 8.64 14.49
CA ASN A 275 1.37 8.38 13.69
C ASN A 275 1.19 9.39 12.58
N PHE A 276 1.59 10.63 12.77
CA PHE A 276 1.50 11.60 11.65
C PHE A 276 2.27 11.02 10.48
N VAL A 277 3.53 10.68 10.70
CA VAL A 277 4.45 10.24 9.62
C VAL A 277 3.96 8.90 9.07
N THR A 278 3.58 7.96 9.93
CA THR A 278 2.96 6.67 9.55
C THR A 278 1.85 6.89 8.52
N PHE A 279 0.86 7.71 8.85
CA PHE A 279 -0.31 7.94 7.98
C PHE A 279 0.10 8.78 6.78
N PHE A 280 1.05 9.71 6.92
CA PHE A 280 1.45 10.54 5.76
C PHE A 280 2.02 9.66 4.65
N ILE A 281 2.84 8.69 5.04
CA ILE A 281 3.54 7.77 4.12
C ILE A 281 2.58 6.63 3.76
N ALA A 282 2.03 5.89 4.73
CA ALA A 282 1.26 4.68 4.40
C ALA A 282 0.02 5.04 3.62
N GLY A 283 -0.53 6.22 3.87
CA GLY A 283 -1.80 6.60 3.25
C GLY A 283 -1.67 6.99 1.79
N HIS A 284 -0.47 7.07 1.21
CA HIS A 284 -0.36 7.33 -0.26
C HIS A 284 0.49 6.29 -0.97
N GLU A 285 1.51 5.71 -0.35
CA GLU A 285 2.54 4.99 -1.14
C GLU A 285 1.97 3.70 -1.78
N THR A 286 1.28 2.86 -1.03
CA THR A 286 0.73 1.59 -1.55
C THR A 286 -0.41 1.88 -2.52
N SER A 287 -1.22 2.88 -2.22
CA SER A 287 -2.33 3.25 -3.14
C SER A 287 -1.74 3.64 -4.50
N ALA A 288 -0.67 4.47 -4.48
CA ALA A 288 0.04 4.87 -5.71
C ALA A 288 0.58 3.66 -6.45
N ASN A 289 1.24 2.76 -5.73
CA ASN A 289 1.87 1.54 -6.29
C ASN A 289 0.76 0.69 -6.98
N HIS A 290 -0.35 0.48 -6.30
CA HIS A 290 -1.51 -0.31 -6.78
C HIS A 290 -2.12 0.32 -8.06
N LEU A 291 -2.25 1.64 -8.07
CA LEU A 291 -2.73 2.31 -9.30
C LEU A 291 -1.71 2.09 -10.43
N ALA A 292 -0.44 2.28 -10.19
CA ALA A 292 0.59 2.17 -11.24
C ALA A 292 0.68 0.73 -11.80
N PHE A 293 0.63 -0.25 -10.94
CA PHE A 293 0.61 -1.67 -11.40
C PHE A 293 -0.63 -1.91 -12.28
N THR A 294 -1.77 -1.39 -11.89
CA THR A 294 -3.05 -1.65 -12.58
C THR A 294 -2.98 -1.00 -13.98
N VAL A 295 -2.51 0.24 -14.06
CA VAL A 295 -2.36 0.91 -15.37
C VAL A 295 -1.34 0.18 -16.23
N MET A 296 -0.22 -0.22 -15.64
CA MET A 296 0.82 -1.00 -16.34
C MET A 296 0.23 -2.31 -16.89
N GLU A 297 -0.44 -3.10 -16.08
CA GLU A 297 -0.94 -4.41 -16.55
C GLU A 297 -2.06 -4.20 -17.60
N LEU A 298 -2.96 -3.23 -17.36
CA LEU A 298 -4.07 -3.03 -18.31
C LEU A 298 -3.56 -2.59 -19.71
N SER A 299 -2.37 -1.95 -19.79
CA SER A 299 -1.81 -1.54 -21.10
C SER A 299 -1.62 -2.75 -22.06
N ARG A 300 -1.56 -4.00 -21.56
CA ARG A 300 -1.49 -5.20 -22.41
C ARG A 300 -2.75 -6.07 -22.31
N GLN A 301 -3.86 -5.49 -21.85
CA GLN A 301 -5.15 -6.24 -21.74
C GLN A 301 -6.23 -5.46 -22.45
N PRO A 302 -6.15 -5.32 -23.79
CA PRO A 302 -7.10 -4.43 -24.47
C PRO A 302 -8.56 -4.88 -24.33
N GLU A 303 -8.82 -6.19 -24.33
CA GLU A 303 -10.19 -6.70 -24.15
C GLU A 303 -10.72 -6.39 -22.75
N ILE A 304 -9.91 -6.53 -21.74
CA ILE A 304 -10.37 -6.16 -20.35
C ILE A 304 -10.59 -4.63 -20.29
N VAL A 305 -9.74 -3.86 -20.94
CA VAL A 305 -9.97 -2.38 -20.94
C VAL A 305 -11.27 -2.06 -21.63
N ALA A 306 -11.57 -2.68 -22.76
CA ALA A 306 -12.81 -2.37 -23.50
C ALA A 306 -14.02 -2.69 -22.59
N ARG A 307 -13.96 -3.79 -21.83
CA ARG A 307 -15.00 -4.15 -20.83
C ARG A 307 -15.12 -3.14 -19.70
N LEU A 308 -14.01 -2.62 -19.20
CA LEU A 308 -14.00 -1.62 -18.13
C LEU A 308 -14.56 -0.31 -18.68
N GLN A 309 -14.18 0.07 -19.89
CA GLN A 309 -14.69 1.33 -20.50
C GLN A 309 -16.22 1.23 -20.63
N ALA A 310 -16.71 0.09 -21.11
CA ALA A 310 -18.15 -0.15 -21.27
C ALA A 310 -18.86 -0.06 -19.91
N GLU A 311 -18.30 -0.63 -18.85
CA GLU A 311 -18.96 -0.63 -17.54
C GLU A 311 -19.04 0.81 -17.03
N VAL A 312 -17.95 1.57 -17.10
CA VAL A 312 -18.00 2.98 -16.62
C VAL A 312 -19.01 3.75 -17.47
N ASP A 313 -19.06 3.54 -18.77
CA ASP A 313 -20.05 4.25 -19.65
C ASP A 313 -21.48 3.94 -19.19
N GLU A 314 -21.75 2.70 -18.82
CA GLU A 314 -23.11 2.23 -18.45
C GLU A 314 -23.46 2.72 -17.04
N VAL A 315 -22.51 2.76 -16.12
CA VAL A 315 -22.82 3.04 -14.68
C VAL A 315 -22.81 4.55 -14.44
N ILE A 316 -21.80 5.28 -14.91
CA ILE A 316 -21.66 6.72 -14.56
C ILE A 316 -21.95 7.62 -15.76
N GLY A 317 -21.90 7.09 -16.99
CA GLY A 317 -22.17 7.83 -18.24
C GLY A 317 -21.26 9.03 -18.36
N SER A 318 -21.89 10.20 -18.52
CA SER A 318 -21.24 11.53 -18.73
C SER A 318 -20.83 12.15 -17.37
N LYS A 319 -21.51 11.78 -16.27
CA LYS A 319 -21.36 12.36 -14.91
C LYS A 319 -19.88 12.67 -14.64
N ARG A 320 -19.62 13.81 -14.03
CA ARG A 320 -18.23 14.26 -13.76
C ARG A 320 -17.82 13.68 -12.41
N TYR A 321 -18.80 13.24 -11.62
CA TYR A 321 -18.68 12.96 -10.18
C TYR A 321 -19.23 11.57 -9.88
N LEU A 322 -18.47 10.71 -9.26
CA LEU A 322 -18.93 9.39 -8.79
C LEU A 322 -19.46 9.54 -7.39
N ASP A 323 -20.69 9.11 -7.16
CA ASP A 323 -21.31 9.04 -5.83
C ASP A 323 -20.88 7.74 -5.19
N PHE A 324 -20.95 7.69 -3.88
CA PHE A 324 -20.61 6.45 -3.16
C PHE A 324 -21.37 5.23 -3.72
N GLU A 325 -22.66 5.36 -4.07
CA GLU A 325 -23.48 4.19 -4.54
C GLU A 325 -22.99 3.72 -5.94
N ASP A 326 -22.41 4.62 -6.74
CA ASP A 326 -21.80 4.21 -8.04
C ASP A 326 -20.63 3.25 -7.85
N LEU A 327 -19.86 3.36 -6.75
CA LEU A 327 -18.68 2.50 -6.53
C LEU A 327 -19.06 1.04 -6.50
N GLY A 328 -20.14 0.67 -5.79
CA GLY A 328 -20.54 -0.74 -5.65
C GLY A 328 -21.02 -1.26 -6.99
N ARG A 329 -21.50 -0.38 -7.86
CA ARG A 329 -21.99 -0.81 -9.21
C ARG A 329 -20.83 -1.10 -10.17
N LEU A 330 -19.63 -0.66 -9.89
CA LEU A 330 -18.47 -0.92 -10.80
C LEU A 330 -17.89 -2.30 -10.46
N GLN A 331 -18.69 -3.35 -10.68
CA GLN A 331 -18.37 -4.73 -10.18
C GLN A 331 -17.17 -5.28 -10.95
N TYR A 332 -17.14 -5.17 -12.28
CA TYR A 332 -15.98 -5.69 -13.05
C TYR A 332 -14.71 -4.92 -12.70
N LEU A 333 -14.76 -3.59 -12.48
CA LEU A 333 -13.57 -2.85 -12.03
C LEU A 333 -13.09 -3.41 -10.69
N SER A 334 -13.99 -3.66 -9.77
CA SER A 334 -13.70 -4.29 -8.44
CA SER A 334 -13.57 -4.22 -8.45
CA SER A 334 -13.63 -4.24 -8.45
C SER A 334 -12.86 -5.56 -8.64
N GLN A 335 -13.30 -6.38 -9.57
CA GLN A 335 -12.66 -7.67 -9.88
C GLN A 335 -11.29 -7.45 -10.46
N VAL A 336 -11.16 -6.54 -11.38
CA VAL A 336 -9.84 -6.20 -11.99
C VAL A 336 -8.86 -5.73 -10.92
N LEU A 337 -9.31 -4.89 -10.00
CA LEU A 337 -8.42 -4.37 -8.95
C LEU A 337 -8.05 -5.52 -7.98
N LYS A 338 -8.94 -6.44 -7.67
CA LYS A 338 -8.57 -7.60 -6.86
C LYS A 338 -7.50 -8.43 -7.57
N GLU A 339 -7.68 -8.67 -8.85
CA GLU A 339 -6.71 -9.48 -9.65
C GLU A 339 -5.39 -8.75 -9.76
N SER A 340 -5.38 -7.42 -9.82
CA SER A 340 -4.12 -6.66 -9.80
C SER A 340 -3.38 -6.89 -8.49
N LEU A 341 -4.06 -6.92 -7.36
CA LEU A 341 -3.45 -7.11 -6.02
C LEU A 341 -2.96 -8.58 -5.86
N ARG A 342 -3.56 -9.52 -6.54
CA ARG A 342 -3.13 -10.94 -6.46
C ARG A 342 -1.73 -11.07 -7.06
N LEU A 343 -1.47 -10.53 -8.25
CA LEU A 343 -0.15 -10.57 -8.92
C LEU A 343 0.81 -9.48 -8.47
N TYR A 344 0.27 -8.33 -8.04
CA TYR A 344 1.14 -7.15 -7.78
C TYR A 344 0.71 -6.55 -6.47
N PRO A 345 0.86 -7.27 -5.34
CA PRO A 345 0.57 -6.69 -4.03
C PRO A 345 1.68 -5.70 -3.65
N PRO A 346 1.40 -4.40 -3.40
CA PRO A 346 2.46 -3.48 -2.98
C PRO A 346 3.08 -3.90 -1.63
N ALA A 347 2.25 -4.42 -0.73
CA ALA A 347 2.67 -4.93 0.59
C ALA A 347 2.58 -6.44 0.53
N TRP A 348 3.72 -7.05 0.43
CA TRP A 348 3.72 -8.48 0.07
C TRP A 348 3.32 -9.37 1.24
N GLY A 349 3.30 -8.85 2.46
CA GLY A 349 2.95 -9.72 3.60
C GLY A 349 3.31 -9.14 4.94
N THR A 350 3.59 -10.01 5.92
CA THR A 350 3.63 -9.60 7.32
C THR A 350 4.47 -10.66 8.07
N PHE A 351 4.79 -10.35 9.30
CA PHE A 351 5.53 -11.25 10.18
C PHE A 351 4.76 -11.46 11.47
N ARG A 352 4.81 -12.66 11.99
CA ARG A 352 4.36 -12.95 13.37
C ARG A 352 5.52 -13.58 14.16
N LEU A 353 5.55 -13.34 15.46
CA LEU A 353 6.51 -13.99 16.34
C LEU A 353 5.93 -15.33 16.83
N LEU A 354 6.67 -16.40 16.57
CA LEU A 354 6.37 -17.73 17.17
C LEU A 354 7.12 -17.82 18.48
N GLU A 355 6.40 -17.80 19.59
CA GLU A 355 7.10 -17.75 20.90
C GLU A 355 7.59 -19.15 21.29
N GLU A 356 6.82 -20.20 21.05
CA GLU A 356 7.14 -21.55 21.54
C GLU A 356 7.41 -22.48 20.37
N GLU A 357 8.26 -23.49 20.57
CA GLU A 357 8.53 -24.48 19.48
C GLU A 357 7.17 -25.07 19.09
N THR A 358 6.92 -25.18 17.79
CA THR A 358 5.62 -25.58 17.23
C THR A 358 5.88 -26.44 15.99
N LEU A 359 5.06 -27.44 15.75
CA LEU A 359 5.10 -28.21 14.51
C LEU A 359 4.23 -27.44 13.53
N ILE A 360 4.81 -27.00 12.42
CA ILE A 360 4.05 -26.32 11.35
C ILE A 360 4.14 -27.21 10.09
N ASP A 361 3.01 -27.77 9.62
CA ASP A 361 3.01 -28.55 8.34
C ASP A 361 4.11 -29.63 8.40
N GLY A 362 4.28 -30.31 9.53
CA GLY A 362 5.23 -31.45 9.63
C GLY A 362 6.66 -30.99 9.86
N VAL A 363 6.92 -29.70 10.11
CA VAL A 363 8.29 -29.16 10.33
C VAL A 363 8.34 -28.60 11.76
N ARG A 364 9.40 -28.94 12.47
CA ARG A 364 9.62 -28.45 13.84
C ARG A 364 10.19 -27.04 13.71
N VAL A 365 9.47 -26.04 14.18
CA VAL A 365 9.97 -24.64 14.13
C VAL A 365 10.30 -24.20 15.58
N PRO A 366 11.56 -23.87 15.86
CA PRO A 366 11.95 -23.46 17.20
C PRO A 366 11.18 -22.23 17.70
N GLY A 367 11.10 -22.09 19.01
CA GLY A 367 10.55 -20.86 19.58
C GLY A 367 11.40 -19.62 19.25
N ASN A 368 10.75 -18.48 19.40
CA ASN A 368 11.33 -17.15 19.15
C ASN A 368 11.83 -17.08 17.71
N THR A 369 10.94 -17.33 16.77
CA THR A 369 11.24 -17.34 15.34
C THR A 369 10.27 -16.39 14.65
N PRO A 370 10.73 -15.49 13.76
CA PRO A 370 9.81 -14.74 12.91
C PRO A 370 9.24 -15.59 11.78
N LEU A 371 7.92 -15.69 11.73
CA LEU A 371 7.19 -16.34 10.63
C LEU A 371 6.85 -15.28 9.57
N LEU A 372 7.21 -15.56 8.33
CA LEU A 372 6.93 -14.65 7.18
C LEU A 372 5.75 -15.21 6.40
N PHE A 373 4.75 -14.39 6.20
CA PHE A 373 3.54 -14.68 5.40
C PHE A 373 3.60 -13.82 4.13
N SER A 374 3.40 -14.40 2.98
CA SER A 374 3.52 -13.65 1.70
C SER A 374 2.32 -13.93 0.79
N THR A 375 1.51 -12.91 0.56
CA THR A 375 0.41 -12.94 -0.44
C THR A 375 1.04 -12.92 -1.85
N TYR A 376 2.22 -12.33 -2.04
CA TYR A 376 2.96 -12.36 -3.34
C TYR A 376 3.31 -13.80 -3.73
N VAL A 377 3.92 -14.54 -2.79
CA VAL A 377 4.35 -15.94 -3.06
C VAL A 377 3.09 -16.78 -3.31
N MET A 378 2.10 -16.72 -2.43
CA MET A 378 0.94 -17.63 -2.55
C MET A 378 0.13 -17.31 -3.81
N GLY A 379 0.11 -16.05 -4.19
CA GLY A 379 -0.63 -15.63 -5.40
C GLY A 379 -0.02 -16.19 -6.66
N ARG A 380 1.26 -16.58 -6.65
CA ARG A 380 1.97 -17.06 -7.84
C ARG A 380 2.19 -18.57 -7.83
N MET A 381 1.65 -19.27 -6.84
CA MET A 381 1.72 -20.72 -6.72
C MET A 381 0.53 -21.40 -7.44
N ASP A 382 0.85 -22.24 -8.40
CA ASP A 382 -0.16 -23.08 -9.12
C ASP A 382 -0.95 -23.94 -8.13
N THR A 383 -0.41 -24.34 -6.97
CA THR A 383 -1.17 -25.11 -5.95
C THR A 383 -2.38 -24.30 -5.55
N TYR A 384 -2.29 -22.96 -5.57
CA TYR A 384 -3.39 -22.12 -4.99
C TYR A 384 -4.18 -21.44 -6.10
N PHE A 385 -3.50 -21.08 -7.19
CA PHE A 385 -4.14 -20.41 -8.34
C PHE A 385 -3.79 -21.12 -9.64
N GLU A 386 -4.79 -21.64 -10.30
CA GLU A 386 -4.59 -22.26 -11.64
C GLU A 386 -4.03 -21.21 -12.60
N ASP A 387 -3.02 -21.59 -13.38
CA ASP A 387 -2.40 -20.68 -14.37
C ASP A 387 -2.09 -19.33 -13.72
N PRO A 388 -1.24 -19.36 -12.67
CA PRO A 388 -1.09 -18.22 -11.80
C PRO A 388 -0.64 -16.93 -12.49
N LEU A 389 0.12 -16.99 -13.58
CA LEU A 389 0.63 -15.78 -14.23
C LEU A 389 -0.43 -15.17 -15.17
N THR A 390 -1.55 -15.85 -15.38
CA THR A 390 -2.61 -15.31 -16.25
C THR A 390 -3.36 -14.26 -15.43
N PHE A 391 -3.55 -13.08 -15.98
CA PHE A 391 -4.40 -12.00 -15.41
C PHE A 391 -5.84 -12.29 -15.80
N ASN A 392 -6.65 -12.71 -14.84
CA ASN A 392 -8.03 -13.15 -15.12
C ASN A 392 -8.97 -12.62 -14.04
N PRO A 393 -9.62 -11.46 -14.28
CA PRO A 393 -10.55 -10.91 -13.28
C PRO A 393 -11.72 -11.83 -12.94
N ASP A 394 -12.00 -12.85 -13.77
CA ASP A 394 -13.13 -13.75 -13.49
C ASP A 394 -12.83 -14.64 -12.26
N ARG A 395 -11.57 -14.74 -11.82
CA ARG A 395 -11.28 -15.43 -10.55
C ARG A 395 -12.09 -14.81 -9.40
N PHE A 396 -12.43 -13.52 -9.47
CA PHE A 396 -13.16 -12.80 -8.40
C PHE A 396 -14.62 -12.54 -8.79
N GLY A 397 -15.14 -13.25 -9.77
CA GLY A 397 -16.53 -13.15 -10.20
C GLY A 397 -17.51 -13.68 -9.15
N PRO A 398 -18.77 -13.22 -9.20
CA PRO A 398 -19.81 -13.68 -8.28
C PRO A 398 -19.95 -15.20 -8.20
N GLY A 399 -19.86 -15.96 -9.29
CA GLY A 399 -20.05 -17.43 -9.08
C GLY A 399 -18.80 -18.15 -8.58
N ALA A 400 -17.68 -17.48 -8.53
CA ALA A 400 -16.35 -18.11 -8.34
C ALA A 400 -16.12 -18.41 -6.85
N PRO A 401 -15.51 -19.56 -6.51
CA PRO A 401 -15.09 -19.83 -5.15
C PRO A 401 -14.02 -18.83 -4.66
N LYS A 402 -14.24 -18.25 -3.49
CA LYS A 402 -13.39 -17.21 -2.91
C LYS A 402 -12.10 -17.89 -2.44
N PRO A 403 -10.92 -17.29 -2.72
CA PRO A 403 -9.66 -17.80 -2.21
C PRO A 403 -9.82 -17.95 -0.67
N ARG A 404 -9.43 -19.09 -0.14
CA ARG A 404 -9.53 -19.32 1.34
C ARG A 404 -8.12 -19.26 1.92
N PHE A 405 -7.73 -18.10 2.45
CA PHE A 405 -6.43 -17.89 3.14
C PHE A 405 -5.24 -18.04 2.19
N THR A 406 -5.43 -17.72 0.90
CA THR A 406 -4.36 -17.73 -0.13
C THR A 406 -4.14 -16.36 -0.73
N TYR A 407 -4.93 -15.38 -0.30
CA TYR A 407 -4.96 -14.05 -0.93
C TYR A 407 -5.20 -13.02 0.18
N PHE A 408 -4.24 -12.17 0.44
CA PHE A 408 -4.36 -11.21 1.56
C PHE A 408 -3.55 -9.96 1.29
N PRO A 409 -3.89 -9.17 0.25
CA PRO A 409 -3.16 -7.94 0.02
C PRO A 409 -3.30 -6.83 1.06
N PHE A 410 -4.27 -6.91 1.94
CA PHE A 410 -4.45 -6.00 3.07
C PHE A 410 -4.19 -6.76 4.38
N SER A 411 -3.56 -7.91 4.29
CA SER A 411 -3.43 -8.86 5.43
C SER A 411 -4.80 -9.31 5.95
N LEU A 412 -4.81 -9.99 7.10
CA LEU A 412 -6.00 -10.61 7.70
C LEU A 412 -5.92 -10.48 9.20
N GLY A 413 -7.07 -10.57 9.85
CA GLY A 413 -7.12 -10.59 11.32
C GLY A 413 -6.93 -9.19 11.90
N HIS A 414 -6.62 -9.14 13.18
CA HIS A 414 -6.67 -7.89 13.99
C HIS A 414 -5.67 -6.88 13.43
N ARG A 415 -4.55 -7.30 12.85
CA ARG A 415 -3.53 -6.38 12.30
C ARG A 415 -3.75 -6.17 10.79
N SER A 416 -4.96 -6.35 10.28
CA SER A 416 -5.24 -6.04 8.87
C SER A 416 -5.18 -4.52 8.63
N CYS A 417 -5.05 -4.11 7.38
CA CYS A 417 -4.89 -2.68 7.01
C CYS A 417 -6.09 -1.87 7.54
N ILE A 418 -5.84 -0.84 8.34
CA ILE A 418 -6.98 0.05 8.75
C ILE A 418 -7.49 0.87 7.54
N GLY A 419 -6.60 1.09 6.55
CA GLY A 419 -6.90 1.97 5.42
C GLY A 419 -7.54 1.20 4.28
N GLN A 420 -7.87 -0.10 4.45
CA GLN A 420 -8.29 -0.91 3.27
C GLN A 420 -9.46 -0.28 2.50
N GLN A 421 -10.54 0.11 3.17
CA GLN A 421 -11.76 0.65 2.49
C GLN A 421 -11.42 2.03 1.96
N PHE A 422 -10.63 2.84 2.69
CA PHE A 422 -10.16 4.15 2.17
C PHE A 422 -9.44 3.93 0.83
N ALA A 423 -8.52 2.98 0.80
CA ALA A 423 -7.71 2.68 -0.41
C ALA A 423 -8.59 2.17 -1.54
N GLN A 424 -9.51 1.25 -1.27
CA GLN A 424 -10.35 0.65 -2.35
C GLN A 424 -11.24 1.74 -2.94
N MET A 425 -11.78 2.63 -2.11
CA MET A 425 -12.59 3.79 -2.63
C MET A 425 -11.75 4.72 -3.48
N GLU A 426 -10.61 5.17 -3.00
CA GLU A 426 -9.87 6.20 -3.74
C GLU A 426 -9.37 5.60 -5.06
N VAL A 427 -8.96 4.32 -5.09
CA VAL A 427 -8.37 3.78 -6.34
CA VAL A 427 -8.37 3.74 -6.32
C VAL A 427 -9.51 3.57 -7.34
N LYS A 428 -10.70 3.18 -6.90
CA LYS A 428 -11.83 2.97 -7.83
C LYS A 428 -12.25 4.31 -8.44
N VAL A 429 -12.25 5.39 -7.65
CA VAL A 429 -12.53 6.74 -8.16
C VAL A 429 -11.51 7.14 -9.21
N VAL A 430 -10.22 7.03 -8.91
CA VAL A 430 -9.17 7.41 -9.87
C VAL A 430 -9.27 6.54 -11.13
N MET A 431 -9.40 5.22 -11.00
CA MET A 431 -9.43 4.38 -12.22
C MET A 431 -10.69 4.64 -13.02
N ALA A 432 -11.84 4.83 -12.37
CA ALA A 432 -13.10 5.04 -13.12
C ALA A 432 -12.94 6.31 -13.97
N LYS A 433 -12.36 7.37 -13.44
CA LYS A 433 -12.26 8.64 -14.18
C LYS A 433 -11.20 8.50 -15.29
N LEU A 434 -10.12 7.75 -15.07
CA LEU A 434 -9.20 7.49 -16.20
C LEU A 434 -9.92 6.73 -17.35
N LEU A 435 -10.66 5.67 -17.03
CA LEU A 435 -11.35 4.83 -18.03
C LEU A 435 -12.44 5.62 -18.73
N GLN A 436 -13.13 6.57 -18.07
CA GLN A 436 -14.15 7.42 -18.67
C GLN A 436 -13.51 8.25 -19.80
N ARG A 437 -12.28 8.74 -19.61
CA ARG A 437 -11.83 9.92 -20.38
C ARG A 437 -10.65 9.62 -21.30
N LEU A 438 -9.86 8.59 -21.00
CA LEU A 438 -8.56 8.45 -21.70
C LEU A 438 -8.28 7.03 -22.14
N GLU A 439 -7.46 6.90 -23.17
CA GLU A 439 -6.85 5.65 -23.64
C GLU A 439 -5.33 5.76 -23.45
N PHE A 440 -4.72 4.69 -22.93
CA PHE A 440 -3.27 4.65 -22.61
C PHE A 440 -2.58 3.59 -23.44
N ARG A 441 -1.43 3.92 -23.99
CA ARG A 441 -0.55 2.96 -24.67
C ARG A 441 0.81 3.03 -23.96
N LEU A 442 1.28 1.91 -23.48
CA LEU A 442 2.62 1.87 -22.85
C LEU A 442 3.69 2.14 -23.91
N VAL A 443 4.64 2.99 -23.62
CA VAL A 443 5.72 3.26 -24.58
C VAL A 443 6.54 1.99 -24.81
N PRO A 444 6.80 1.58 -26.05
CA PRO A 444 7.62 0.37 -26.27
C PRO A 444 9.00 0.45 -25.59
N GLY A 445 9.38 -0.66 -25.01
CA GLY A 445 10.61 -0.69 -24.19
C GLY A 445 10.30 -0.61 -22.73
N GLN A 446 9.12 -0.13 -22.34
CA GLN A 446 8.77 -0.11 -20.91
C GLN A 446 8.57 -1.54 -20.43
N ARG A 447 9.09 -1.80 -19.26
CA ARG A 447 9.06 -3.17 -18.69
C ARG A 447 7.87 -3.39 -17.75
N PHE A 448 7.62 -4.67 -17.43
CA PHE A 448 6.50 -5.09 -16.54
C PHE A 448 7.11 -5.63 -15.23
N GLY A 449 8.38 -5.42 -15.04
CA GLY A 449 9.11 -5.95 -13.88
C GLY A 449 8.91 -5.11 -12.65
N LEU A 450 9.28 -5.69 -11.51
CA LEU A 450 9.07 -5.06 -10.20
C LEU A 450 10.38 -4.58 -9.60
N GLN A 451 10.26 -3.65 -8.67
CA GLN A 451 11.37 -3.30 -7.75
C GLN A 451 10.78 -3.34 -6.34
N GLU A 452 11.65 -3.55 -5.35
CA GLU A 452 11.24 -3.48 -3.92
C GLU A 452 12.01 -2.32 -3.31
N GLN A 453 11.31 -1.27 -2.86
N GLN A 453 11.31 -1.26 -2.91
CA GLN A 453 11.93 -0.16 -2.10
CA GLN A 453 11.89 -0.25 -1.98
C GLN A 453 10.95 0.31 -1.02
C GLN A 453 11.38 -0.64 -0.59
N ALA A 454 10.88 -0.50 0.04
N ALA A 454 10.56 0.18 0.05
CA ALA A 454 9.94 -0.38 1.17
CA ALA A 454 9.78 -0.24 1.23
C ALA A 454 8.58 -1.00 0.82
C ALA A 454 8.65 -1.17 0.78
N THR A 455 8.16 -0.96 -0.45
CA THR A 455 7.01 -1.69 -1.00
C THR A 455 7.42 -2.20 -2.39
N LEU A 456 6.57 -2.99 -2.98
CA LEU A 456 6.75 -3.44 -4.38
C LEU A 456 6.08 -2.39 -5.26
N LYS A 457 6.70 -2.09 -6.34
CA LYS A 457 6.17 -1.11 -7.30
C LYS A 457 6.77 -1.40 -8.65
N PRO A 458 6.23 -0.82 -9.74
CA PRO A 458 6.87 -1.06 -11.03
C PRO A 458 8.33 -0.59 -11.07
N LEU A 459 9.20 -1.34 -11.72
CA LEU A 459 10.62 -1.00 -11.97
C LEU A 459 10.66 0.27 -12.80
N ASP A 460 9.82 0.36 -13.82
CA ASP A 460 9.86 1.47 -14.79
C ASP A 460 8.78 2.48 -14.40
N PRO A 461 8.88 3.70 -14.97
CA PRO A 461 7.95 4.81 -14.65
C PRO A 461 6.55 4.62 -15.23
N VAL A 462 6.26 3.49 -15.90
CA VAL A 462 4.92 3.28 -16.54
C VAL A 462 4.69 4.48 -17.50
N LEU A 463 5.67 4.69 -18.34
CA LEU A 463 5.64 5.74 -19.41
C LEU A 463 4.61 5.35 -20.48
N CYS A 464 3.62 6.25 -20.71
CA CYS A 464 2.51 5.98 -21.64
C CYS A 464 2.32 7.18 -22.57
N THR A 465 1.77 6.93 -23.73
CA THR A 465 1.15 8.00 -24.52
C THR A 465 -0.36 7.88 -24.35
N LEU A 466 -1.05 8.99 -24.54
CA LEU A 466 -2.49 9.06 -24.15
C LEU A 466 -3.27 9.64 -25.35
N ARG A 467 -4.53 9.20 -25.46
CA ARG A 467 -5.49 9.86 -26.40
C ARG A 467 -6.80 10.01 -25.64
N PRO A 468 -7.63 11.00 -26.00
CA PRO A 468 -8.97 11.05 -25.42
C PRO A 468 -9.78 9.85 -25.93
N ARG A 469 -10.76 9.39 -25.16
CA ARG A 469 -11.70 8.39 -25.68
C ARG A 469 -12.56 9.01 -26.75
N GLY A 470 -12.87 8.19 -27.76
CA GLY A 470 -13.46 8.58 -29.05
C GLY A 470 -12.42 8.37 -30.15
N TRP A 471 -11.26 9.01 -29.97
CA TRP A 471 -10.21 9.24 -31.01
C TRP A 471 -10.15 8.06 -32.00
CHA HEM B . -1.46 -2.17 7.52
CHB HEM B . -1.60 -3.05 2.70
CHC HEM B . -3.47 1.33 2.01
CHD HEM B . -2.50 2.47 6.60
C1A HEM B . -1.39 -2.80 6.29
C2A HEM B . -0.95 -4.12 6.09
C3A HEM B . -1.00 -4.41 4.72
C4A HEM B . -1.46 -3.20 4.06
CMA HEM B . -0.59 -5.68 4.04
CAA HEM B . -0.45 -5.08 7.19
CBA HEM B . 0.99 -4.67 7.48
CGA HEM B . 1.73 -5.53 8.51
O1A HEM B . 2.87 -5.17 8.92
O2A HEM B . 1.20 -6.58 8.89
C1B HEM B . -2.11 -1.89 2.10
C2B HEM B . -2.38 -1.78 0.70
C3B HEM B . -2.92 -0.57 0.47
C4B HEM B . -3.00 0.06 1.79
CMB HEM B . -2.09 -2.81 -0.34
CAB HEM B . -3.43 0.06 -0.80
CBB HEM B . -3.75 -0.53 -1.94
C1C HEM B . -3.44 2.00 3.21
C2C HEM B . -3.98 3.30 3.41
C3C HEM B . -3.70 3.68 4.72
C4C HEM B . -2.96 2.56 5.30
CMC HEM B . -4.72 4.11 2.38
CAC HEM B . -4.07 4.86 5.50
CBC HEM B . -4.94 5.83 5.18
C1D HEM B . -2.12 1.27 7.20
C2D HEM B . -1.88 1.19 8.68
C3D HEM B . -1.63 -0.10 8.92
C4D HEM B . -1.70 -0.80 7.64
CMD HEM B . -1.86 2.34 9.63
CAD HEM B . -1.36 -0.75 10.26
CBD HEM B . -2.73 -1.23 10.78
CGD HEM B . -2.68 -1.87 12.21
O1D HEM B . -3.59 -1.64 13.04
O2D HEM B . -1.76 -2.64 12.42
NA HEM B . -1.66 -2.27 5.02
NB HEM B . -2.43 -0.76 2.72
NC HEM B . -2.86 1.58 4.35
ND HEM B . -2.02 0.04 6.61
FE HEM B . -2.28 -0.37 4.72
C4 05D C . 0.71 -0.51 4.77
C5 05D C . 4.68 1.51 4.43
C6 05D C . 5.70 2.19 3.83
C7 05D C . 2.30 0.93 3.71
C8 05D C . 2.04 -0.21 4.50
C10 05D C . 4.14 -2.53 6.62
C13 05D C . 3.98 -1.57 3.92
C15 05D C . 7.07 2.50 4.30
C17 05D C . 5.39 -5.87 6.73
C1 05D C . 1.18 1.59 3.17
C2 05D C . -0.09 1.16 3.53
C3 05D C . 5.11 2.62 2.62
C9 05D C . 6.39 -3.48 6.18
C11 05D C . 5.31 -2.03 4.49
C12 05D C . 2.83 -1.99 6.08
C14 05D C . 5.07 -3.08 5.56
C16 05D C . 7.66 -5.11 7.43
N18 05D C . -0.44 0.10 4.36
N19 05D C . 3.86 2.22 2.44
N20 05D C . 3.58 1.48 3.57
N21 05D C . 3.17 -0.97 5.00
N22 05D C . 6.51 -4.89 6.83
O23 05D C . 7.45 -2.84 6.14
#